data_4IWC
#
_entry.id   4IWC
#
_cell.length_a   55.864
_cell.length_b   83.501
_cell.length_c   58.610
_cell.angle_alpha   90.00
_cell.angle_beta   108.54
_cell.angle_gamma   90.00
#
_symmetry.space_group_name_H-M   'P 1 21 1'
#
loop_
_entity.id
_entity.type
_entity.pdbx_description
1 polymer 'Estrogen receptor'
2 polymer 'Nuclear receptor coactivator 2'
3 non-polymer "4,4'-thiene-2,5-diylbis(3-methylphenol)"
4 water water
#
loop_
_entity_poly.entity_id
_entity_poly.type
_entity_poly.pdbx_seq_one_letter_code
_entity_poly.pdbx_strand_id
1 'polypeptide(L)'
;KNSLALSLTADQMVSALLDAEPPILYSEYDPTRPFSEASMMGLLTNLADRELVHMINWAKRVPGFVDLTLHDQVHLLECA
WLEILMIGLVWRSMEHPGKLLFAPNLLLDRNQGKCVEGMVEIFDMLLATSSRFRMMNLQGEEFVCLKSIILLNSGVYTFL
SSTLKSLEEKDHIHRVLDKITDTLIHLMAKAGLTLQQQHQRLAQLLLILSHIRHMSNKGMEHLYSMKCKNVVPLSDLLLE
MLDAHRL
;
A,B
2 'polypeptide(L)' HKILHRLLQD C,D
#
# COMPACT_ATOMS: atom_id res chain seq x y z
N SER A 3 -22.96 -13.47 12.98
CA SER A 3 -22.77 -13.11 11.59
C SER A 3 -22.44 -14.34 10.74
N LEU A 4 -23.32 -14.64 9.78
CA LEU A 4 -23.13 -15.82 8.94
C LEU A 4 -21.86 -15.76 8.10
N ALA A 5 -21.28 -14.57 8.00
CA ALA A 5 -20.01 -14.41 7.31
C ALA A 5 -18.97 -15.32 7.94
N LEU A 6 -18.91 -15.28 9.27
CA LEU A 6 -17.95 -16.07 10.03
C LEU A 6 -18.27 -17.56 9.99
N SER A 7 -19.53 -17.89 9.75
CA SER A 7 -19.97 -19.28 9.72
C SER A 7 -19.66 -19.92 8.37
N LEU A 8 -19.31 -19.09 7.39
CA LEU A 8 -18.99 -19.56 6.05
C LEU A 8 -17.74 -20.44 6.04
N THR A 9 -17.75 -21.47 5.21
CA THR A 9 -16.55 -22.26 4.98
C THR A 9 -15.75 -21.62 3.86
N ALA A 10 -14.51 -22.08 3.68
CA ALA A 10 -13.66 -21.56 2.63
C ALA A 10 -14.37 -21.67 1.27
N ASP A 11 -14.97 -22.83 1.02
CA ASP A 11 -15.67 -23.07 -0.24
C ASP A 11 -16.90 -22.18 -0.39
N GLN A 12 -17.63 -21.97 0.70
CA GLN A 12 -18.78 -21.09 0.69
C GLN A 12 -18.33 -19.64 0.50
N MET A 13 -17.18 -19.31 1.08
CA MET A 13 -16.59 -18.00 0.90
C MET A 13 -16.29 -17.73 -0.58
N VAL A 14 -15.57 -18.64 -1.20
CA VAL A 14 -15.22 -18.50 -2.61
C VAL A 14 -16.44 -18.44 -3.52
N SER A 15 -17.41 -19.30 -3.25
CA SER A 15 -18.61 -19.38 -4.08
C SER A 15 -19.43 -18.10 -4.01
N ALA A 16 -19.52 -17.54 -2.80
CA ALA A 16 -20.24 -16.28 -2.61
C ALA A 16 -19.58 -15.16 -3.40
N LEU A 17 -18.25 -15.09 -3.33
CA LEU A 17 -17.50 -14.02 -3.97
C LEU A 17 -17.50 -14.13 -5.50
N LEU A 18 -17.41 -15.35 -6.02
CA LEU A 18 -17.46 -15.57 -7.45
C LEU A 18 -18.80 -15.16 -8.03
N ASP A 19 -19.87 -15.47 -7.31
CA ASP A 19 -21.22 -15.15 -7.74
C ASP A 19 -21.49 -13.65 -7.72
N ALA A 20 -20.88 -12.95 -6.76
CA ALA A 20 -21.11 -11.53 -6.58
C ALA A 20 -20.36 -10.69 -7.60
N GLU A 21 -19.57 -11.33 -8.45
CA GLU A 21 -18.75 -10.61 -9.43
C GLU A 21 -19.59 -9.73 -10.35
N PRO A 22 -19.15 -8.47 -10.52
CA PRO A 22 -19.75 -7.51 -11.44
C PRO A 22 -19.42 -7.90 -12.88
N PRO A 23 -20.23 -7.44 -13.84
CA PRO A 23 -19.96 -7.76 -15.25
C PRO A 23 -18.85 -6.89 -15.84
N ILE A 24 -18.30 -7.32 -16.96
CA ILE A 24 -17.38 -6.50 -17.72
C ILE A 24 -18.18 -5.55 -18.57
N LEU A 25 -18.06 -4.25 -18.31
CA LEU A 25 -18.83 -3.25 -19.02
C LEU A 25 -18.10 -2.76 -20.25
N TYR A 26 -18.86 -2.14 -21.16
CA TYR A 26 -18.28 -1.58 -22.37
C TYR A 26 -18.08 -0.08 -22.28
N SER A 27 -17.12 0.42 -23.05
CA SER A 27 -16.82 1.84 -23.10
C SER A 27 -17.67 2.54 -24.15
N GLU A 28 -17.95 3.82 -23.94
CA GLU A 28 -18.67 4.61 -24.92
C GLU A 28 -17.77 4.93 -26.12
N TYR A 29 -16.70 4.15 -26.26
CA TYR A 29 -15.68 4.40 -27.29
C TYR A 29 -16.26 4.61 -28.68
N ASP A 30 -15.92 5.75 -29.28
CA ASP A 30 -16.34 6.07 -30.63
C ASP A 30 -15.13 6.15 -31.56
N PRO A 31 -15.00 5.18 -32.47
CA PRO A 31 -13.82 5.06 -33.34
C PRO A 31 -13.86 6.00 -34.55
N THR A 32 -14.74 6.99 -34.53
CA THR A 32 -14.80 7.93 -35.65
C THR A 32 -13.99 9.20 -35.39
N ARG A 33 -13.70 9.47 -34.11
CA ARG A 33 -12.93 10.66 -33.75
C ARG A 33 -11.58 10.29 -33.17
N PRO A 34 -10.57 11.13 -33.38
CA PRO A 34 -9.24 10.90 -32.80
C PRO A 34 -9.20 11.26 -31.32
N PHE A 35 -8.32 10.60 -30.57
CA PHE A 35 -8.22 10.80 -29.13
C PHE A 35 -7.65 12.16 -28.74
N SER A 36 -8.31 12.80 -27.78
CA SER A 36 -7.78 13.99 -27.12
C SER A 36 -7.65 13.64 -25.64
N GLU A 37 -6.98 14.51 -24.88
CA GLU A 37 -6.91 14.32 -23.44
C GLU A 37 -8.33 14.27 -22.88
N ALA A 38 -9.13 15.26 -23.27
CA ALA A 38 -10.50 15.37 -22.79
C ALA A 38 -11.38 14.19 -23.18
N SER A 39 -11.25 13.71 -24.43
CA SER A 39 -12.08 12.60 -24.88
C SER A 39 -11.68 11.27 -24.23
N MET A 40 -10.38 11.06 -24.05
CA MET A 40 -9.90 9.86 -23.37
C MET A 40 -10.33 9.85 -21.91
N MET A 41 -10.14 10.97 -21.22
CA MET A 41 -10.58 11.11 -19.85
C MET A 41 -12.09 10.94 -19.75
N GLY A 42 -12.80 11.39 -20.78
CA GLY A 42 -14.23 11.23 -20.86
C GLY A 42 -14.64 9.76 -20.85
N LEU A 43 -14.01 8.98 -21.73
CA LEU A 43 -14.29 7.55 -21.83
C LEU A 43 -13.96 6.85 -20.51
N LEU A 44 -12.80 7.17 -19.96
CA LEU A 44 -12.32 6.55 -18.73
C LEU A 44 -13.25 6.84 -17.56
N THR A 45 -13.61 8.11 -17.39
CA THR A 45 -14.44 8.49 -16.26
C THR A 45 -15.91 8.08 -16.45
N ASN A 46 -16.38 8.08 -17.69
CA ASN A 46 -17.70 7.53 -17.97
C ASN A 46 -17.73 6.07 -17.55
N LEU A 47 -16.71 5.33 -17.97
CA LEU A 47 -16.58 3.91 -17.67
C LEU A 47 -16.52 3.66 -16.17
N ALA A 48 -15.63 4.38 -15.49
CA ALA A 48 -15.48 4.23 -14.04
C ALA A 48 -16.80 4.50 -13.33
N ASP A 49 -17.51 5.53 -13.81
CA ASP A 49 -18.78 5.92 -13.22
C ASP A 49 -19.80 4.78 -13.26
N ARG A 50 -19.91 4.12 -14.41
CA ARG A 50 -20.84 3.01 -14.54
C ARG A 50 -20.40 1.81 -13.73
N GLU A 51 -19.09 1.57 -13.68
CA GLU A 51 -18.55 0.48 -12.87
C GLU A 51 -18.81 0.70 -11.39
N LEU A 52 -18.77 1.96 -10.95
CA LEU A 52 -19.00 2.30 -9.54
C LEU A 52 -20.35 1.79 -9.04
N VAL A 53 -21.39 1.98 -9.84
CA VAL A 53 -22.73 1.50 -9.47
C VAL A 53 -22.71 0.00 -9.25
N HIS A 54 -22.03 -0.72 -10.13
CA HIS A 54 -21.88 -2.16 -9.99
C HIS A 54 -21.03 -2.52 -8.78
N MET A 55 -20.05 -1.67 -8.48
CA MET A 55 -19.18 -1.90 -7.33
C MET A 55 -19.96 -1.78 -6.02
N ILE A 56 -20.73 -0.71 -5.90
CA ILE A 56 -21.56 -0.50 -4.71
C ILE A 56 -22.44 -1.71 -4.44
N ASN A 57 -22.99 -2.30 -5.50
CA ASN A 57 -23.85 -3.46 -5.36
C ASN A 57 -23.06 -4.75 -5.10
N TRP A 58 -21.86 -4.84 -5.66
CA TRP A 58 -20.98 -5.97 -5.37
C TRP A 58 -20.54 -5.93 -3.91
N ALA A 59 -20.24 -4.73 -3.43
CA ALA A 59 -19.76 -4.55 -2.05
C ALA A 59 -20.75 -5.13 -1.04
N LYS A 60 -22.04 -4.87 -1.26
CA LYS A 60 -23.08 -5.37 -0.37
C LYS A 60 -23.12 -6.89 -0.35
N ARG A 61 -22.50 -7.52 -1.33
CA ARG A 61 -22.48 -8.97 -1.43
C ARG A 61 -21.22 -9.58 -0.84
N VAL A 62 -20.24 -8.75 -0.53
CA VAL A 62 -19.06 -9.22 0.18
C VAL A 62 -19.45 -9.53 1.61
N PRO A 63 -19.29 -10.80 2.02
CA PRO A 63 -19.66 -11.26 3.36
C PRO A 63 -19.15 -10.33 4.46
N GLY A 64 -20.05 -9.97 5.37
CA GLY A 64 -19.70 -9.13 6.51
C GLY A 64 -19.95 -7.65 6.27
N PHE A 65 -19.76 -7.21 5.04
CA PHE A 65 -19.89 -5.80 4.68
C PHE A 65 -21.25 -5.22 5.11
N VAL A 66 -22.31 -5.99 4.90
CA VAL A 66 -23.66 -5.56 5.23
C VAL A 66 -23.84 -5.30 6.74
N ASP A 67 -23.02 -5.97 7.54
CA ASP A 67 -23.12 -5.86 8.99
C ASP A 67 -22.66 -4.51 9.53
N LEU A 68 -21.96 -3.74 8.70
CA LEU A 68 -21.42 -2.44 9.12
C LEU A 68 -22.44 -1.32 8.97
N THR A 69 -22.25 -0.25 9.73
CA THR A 69 -23.08 0.94 9.60
C THR A 69 -22.94 1.52 8.20
N LEU A 70 -23.98 2.20 7.73
CA LEU A 70 -23.90 2.90 6.46
C LEU A 70 -22.69 3.81 6.43
N HIS A 71 -22.43 4.48 7.55
CA HIS A 71 -21.30 5.40 7.64
C HIS A 71 -19.96 4.70 7.42
N ASP A 72 -19.85 3.46 7.89
CA ASP A 72 -18.63 2.70 7.70
C ASP A 72 -18.50 2.14 6.29
N GLN A 73 -19.63 1.72 5.70
CA GLN A 73 -19.65 1.24 4.33
C GLN A 73 -19.22 2.35 3.38
N VAL A 74 -19.73 3.55 3.64
CA VAL A 74 -19.37 4.72 2.87
C VAL A 74 -17.86 4.96 2.93
N HIS A 75 -17.31 4.95 4.13
CA HIS A 75 -15.87 5.15 4.32
C HIS A 75 -15.03 4.15 3.53
N LEU A 76 -15.32 2.86 3.71
CA LEU A 76 -14.53 1.81 3.05
C LEU A 76 -14.55 1.95 1.53
N LEU A 77 -15.73 2.16 0.96
CA LEU A 77 -15.84 2.33 -0.48
C LEU A 77 -15.13 3.60 -0.95
N GLU A 78 -15.35 4.69 -0.23
CA GLU A 78 -14.68 5.96 -0.52
C GLU A 78 -13.16 5.80 -0.58
N CYS A 79 -12.64 4.94 0.28
CA CYS A 79 -11.20 4.73 0.38
C CYS A 79 -10.69 3.78 -0.69
N ALA A 80 -11.48 2.76 -1.01
CA ALA A 80 -10.99 1.65 -1.83
C ALA A 80 -11.40 1.67 -3.31
N TRP A 81 -12.34 2.55 -3.68
CA TRP A 81 -12.95 2.48 -5.02
C TRP A 81 -11.96 2.43 -6.19
N LEU A 82 -10.92 3.25 -6.14
CA LEU A 82 -9.95 3.29 -7.24
C LEU A 82 -9.06 2.05 -7.23
N GLU A 83 -8.60 1.67 -6.04
CA GLU A 83 -7.84 0.43 -5.88
C GLU A 83 -8.61 -0.73 -6.50
N ILE A 84 -9.91 -0.78 -6.21
CA ILE A 84 -10.77 -1.87 -6.66
C ILE A 84 -10.97 -1.85 -8.18
N LEU A 85 -11.16 -0.66 -8.75
CA LEU A 85 -11.23 -0.53 -10.20
C LEU A 85 -9.92 -0.96 -10.83
N MET A 86 -8.82 -0.62 -10.16
CA MET A 86 -7.49 -0.92 -10.67
C MET A 86 -7.15 -2.41 -10.64
N ILE A 87 -7.48 -3.10 -9.55
CA ILE A 87 -7.17 -4.53 -9.49
C ILE A 87 -8.00 -5.28 -10.54
N GLY A 88 -9.26 -4.89 -10.69
CA GLY A 88 -10.11 -5.47 -11.71
C GLY A 88 -9.49 -5.30 -13.09
N LEU A 89 -9.10 -4.06 -13.39
CA LEU A 89 -8.46 -3.73 -14.67
C LEU A 89 -7.21 -4.57 -14.91
N VAL A 90 -6.38 -4.65 -13.88
CA VAL A 90 -5.13 -5.41 -13.97
C VAL A 90 -5.41 -6.90 -14.17
N TRP A 91 -6.47 -7.38 -13.52
CA TRP A 91 -6.90 -8.77 -13.67
C TRP A 91 -7.32 -9.10 -15.10
N ARG A 92 -8.21 -8.29 -15.68
CA ARG A 92 -8.72 -8.58 -17.02
C ARG A 92 -7.70 -8.29 -18.13
N SER A 93 -6.58 -7.66 -17.77
CA SER A 93 -5.54 -7.34 -18.73
C SER A 93 -4.43 -8.37 -18.73
N MET A 94 -4.53 -9.37 -17.86
CA MET A 94 -3.49 -10.38 -17.70
C MET A 94 -3.12 -11.05 -19.02
N GLU A 95 -4.14 -11.50 -19.77
CA GLU A 95 -3.89 -12.21 -21.02
C GLU A 95 -3.60 -11.26 -22.18
N HIS A 96 -3.39 -9.98 -21.86
CA HIS A 96 -3.07 -8.98 -22.87
C HIS A 96 -1.76 -8.28 -22.55
N PRO A 97 -0.63 -9.00 -22.68
CA PRO A 97 0.68 -8.42 -22.36
C PRO A 97 0.94 -7.14 -23.13
N GLY A 98 1.37 -6.09 -22.42
CA GLY A 98 1.69 -4.82 -23.03
C GLY A 98 0.49 -3.90 -23.17
N LYS A 99 -0.70 -4.40 -22.85
CA LYS A 99 -1.92 -3.62 -23.01
C LYS A 99 -2.80 -3.64 -21.75
N LEU A 100 -3.69 -2.66 -21.66
CA LEU A 100 -4.67 -2.60 -20.59
C LEU A 100 -6.08 -2.67 -21.16
N LEU A 101 -6.82 -3.69 -20.76
CA LEU A 101 -8.20 -3.85 -21.22
C LEU A 101 -9.15 -3.09 -20.31
N PHE A 102 -9.26 -1.78 -20.53
CA PHE A 102 -10.21 -0.98 -19.78
C PHE A 102 -11.61 -1.50 -20.07
N ALA A 103 -11.84 -1.82 -21.34
CA ALA A 103 -13.06 -2.49 -21.77
C ALA A 103 -12.73 -3.32 -22.99
N PRO A 104 -13.59 -4.30 -23.31
CA PRO A 104 -13.36 -5.13 -24.50
C PRO A 104 -13.19 -4.27 -25.76
N ASN A 105 -13.83 -3.10 -25.77
CA ASN A 105 -13.69 -2.18 -26.90
C ASN A 105 -12.77 -1.00 -26.58
N LEU A 106 -12.12 -1.06 -25.44
CA LEU A 106 -11.15 -0.05 -25.04
C LEU A 106 -9.90 -0.73 -24.49
N LEU A 107 -9.07 -1.21 -25.40
CA LEU A 107 -7.86 -1.95 -25.06
C LEU A 107 -6.64 -1.13 -25.50
N LEU A 108 -5.96 -0.53 -24.53
CA LEU A 108 -4.94 0.46 -24.84
C LEU A 108 -3.52 0.01 -24.52
N ASP A 109 -2.56 0.59 -25.23
CA ASP A 109 -1.14 0.45 -24.88
C ASP A 109 -0.64 1.79 -24.36
N ARG A 110 0.57 1.82 -23.82
CA ARG A 110 1.07 2.99 -23.11
C ARG A 110 1.13 4.26 -23.95
N ASN A 111 1.23 4.11 -25.27
CA ASN A 111 1.36 5.26 -26.15
C ASN A 111 0.05 6.04 -26.31
N GLN A 112 -1.07 5.34 -26.20
CA GLN A 112 -2.38 5.95 -26.41
C GLN A 112 -2.78 6.87 -25.25
N GLY A 113 -2.01 6.83 -24.17
CA GLY A 113 -2.31 7.64 -23.00
C GLY A 113 -1.45 8.89 -22.87
N LYS A 114 -0.54 9.09 -23.81
CA LYS A 114 0.40 10.20 -23.73
C LYS A 114 -0.26 11.57 -23.75
N CYS A 115 -1.42 11.67 -24.39
CA CYS A 115 -2.16 12.93 -24.43
C CYS A 115 -2.62 13.36 -23.04
N VAL A 116 -2.81 12.38 -22.16
CA VAL A 116 -3.42 12.62 -20.86
C VAL A 116 -2.40 12.88 -19.75
N GLU A 117 -2.69 13.88 -18.92
CA GLU A 117 -1.84 14.21 -17.78
C GLU A 117 -1.66 13.03 -16.82
N GLY A 118 -0.43 12.58 -16.66
CA GLY A 118 -0.09 11.55 -15.69
C GLY A 118 -0.47 10.14 -16.08
N MET A 119 -1.17 9.99 -17.20
CA MET A 119 -1.71 8.68 -17.60
C MET A 119 -0.66 7.63 -17.93
N VAL A 120 0.43 8.04 -18.59
CA VAL A 120 1.48 7.09 -18.93
C VAL A 120 2.19 6.56 -17.69
N GLU A 121 2.40 7.42 -16.70
CA GLU A 121 2.98 7.00 -15.43
C GLU A 121 2.16 5.91 -14.76
N ILE A 122 0.86 6.16 -14.60
CA ILE A 122 -0.04 5.21 -13.97
C ILE A 122 -0.17 3.94 -14.82
N PHE A 123 -0.22 4.14 -16.12
CA PHE A 123 -0.31 3.05 -17.10
C PHE A 123 0.82 2.05 -16.90
N ASP A 124 2.05 2.56 -16.83
CA ASP A 124 3.22 1.72 -16.64
C ASP A 124 3.15 0.94 -15.33
N MET A 125 2.63 1.58 -14.29
CA MET A 125 2.50 0.91 -13.01
C MET A 125 1.45 -0.18 -13.09
N LEU A 126 0.35 0.10 -13.79
CA LEU A 126 -0.71 -0.88 -13.98
C LEU A 126 -0.23 -2.10 -14.78
N LEU A 127 0.51 -1.84 -15.86
CA LEU A 127 1.07 -2.92 -16.68
C LEU A 127 2.00 -3.81 -15.87
N ALA A 128 2.80 -3.22 -15.01
CA ALA A 128 3.75 -3.97 -14.19
C ALA A 128 3.01 -4.93 -13.28
N THR A 129 1.94 -4.44 -12.66
CA THR A 129 1.11 -5.25 -11.78
C THR A 129 0.44 -6.38 -12.56
N SER A 130 -0.04 -6.06 -13.77
CA SER A 130 -0.68 -7.05 -14.62
C SER A 130 0.29 -8.18 -14.97
N SER A 131 1.51 -7.79 -15.35
CA SER A 131 2.55 -8.75 -15.69
C SER A 131 2.91 -9.60 -14.47
N ARG A 132 2.93 -8.98 -13.30
CA ARG A 132 3.23 -9.68 -12.07
C ARG A 132 2.16 -10.72 -11.74
N PHE A 133 0.90 -10.33 -11.86
CA PHE A 133 -0.20 -11.28 -11.68
C PHE A 133 -0.07 -12.41 -12.71
N ARG A 134 0.35 -12.06 -13.92
CA ARG A 134 0.52 -13.04 -14.98
C ARG A 134 1.66 -14.00 -14.69
N MET A 135 2.80 -13.47 -14.24
CA MET A 135 3.96 -14.28 -13.86
C MET A 135 3.62 -15.22 -12.71
N MET A 136 2.81 -14.74 -11.77
CA MET A 136 2.43 -15.54 -10.62
C MET A 136 1.28 -16.49 -10.95
N ASN A 137 0.68 -16.30 -12.11
CA ASN A 137 -0.43 -17.14 -12.53
C ASN A 137 -1.61 -16.99 -11.57
N LEU A 138 -1.97 -15.75 -11.28
CA LEU A 138 -3.08 -15.48 -10.37
C LEU A 138 -4.33 -16.18 -10.86
N GLN A 139 -5.02 -16.87 -9.96
CA GLN A 139 -6.27 -17.55 -10.30
C GLN A 139 -7.47 -16.68 -9.94
N GLY A 140 -8.59 -16.94 -10.60
CA GLY A 140 -9.80 -16.17 -10.38
C GLY A 140 -10.27 -16.17 -8.93
N GLU A 141 -10.20 -17.34 -8.30
CA GLU A 141 -10.62 -17.48 -6.90
C GLU A 141 -9.76 -16.63 -5.97
N GLU A 142 -8.48 -16.53 -6.30
CA GLU A 142 -7.55 -15.73 -5.51
C GLU A 142 -7.82 -14.24 -5.72
N PHE A 143 -8.10 -13.88 -6.97
CA PHE A 143 -8.37 -12.49 -7.32
C PHE A 143 -9.55 -11.93 -6.54
N VAL A 144 -10.68 -12.63 -6.54
CA VAL A 144 -11.86 -12.13 -5.81
C VAL A 144 -11.60 -12.04 -4.31
N CYS A 145 -10.73 -12.90 -3.79
CA CYS A 145 -10.30 -12.78 -2.40
C CYS A 145 -9.51 -11.49 -2.21
N LEU A 146 -8.59 -11.22 -3.14
CA LEU A 146 -7.79 -10.01 -3.10
C LEU A 146 -8.64 -8.75 -3.18
N LYS A 147 -9.62 -8.75 -4.08
CA LYS A 147 -10.48 -7.59 -4.26
C LYS A 147 -11.29 -7.29 -3.00
N SER A 148 -11.73 -8.34 -2.31
CA SER A 148 -12.52 -8.18 -1.09
C SER A 148 -11.67 -7.70 0.08
N ILE A 149 -10.43 -8.17 0.15
CA ILE A 149 -9.49 -7.72 1.16
C ILE A 149 -9.26 -6.22 1.05
N ILE A 150 -8.98 -5.76 -0.16
CA ILE A 150 -8.81 -4.34 -0.44
C ILE A 150 -9.99 -3.52 0.08
N LEU A 151 -11.20 -3.98 -0.22
CA LEU A 151 -12.41 -3.31 0.21
C LEU A 151 -12.49 -3.18 1.72
N LEU A 152 -12.19 -4.27 2.41
CA LEU A 152 -12.31 -4.33 3.86
C LEU A 152 -11.12 -3.71 4.59
N ASN A 153 -9.94 -3.78 3.96
CA ASN A 153 -8.72 -3.36 4.63
C ASN A 153 -8.36 -1.88 4.46
N SER A 154 -8.52 -1.37 3.24
CA SER A 154 -7.98 -0.06 2.89
C SER A 154 -8.44 1.10 3.76
N GLY A 155 -9.65 1.00 4.32
CA GLY A 155 -10.20 2.08 5.12
C GLY A 155 -10.31 1.79 6.61
N VAL A 156 -10.01 0.56 7.01
CA VAL A 156 -10.26 0.14 8.39
C VAL A 156 -9.43 0.89 9.41
N TYR A 157 -8.27 1.40 9.01
CA TYR A 157 -7.40 2.12 9.93
C TYR A 157 -7.79 3.59 10.07
N THR A 158 -8.55 4.10 9.11
CA THR A 158 -9.01 5.48 9.16
C THR A 158 -10.38 5.59 9.83
N PHE A 159 -10.68 4.64 10.71
CA PHE A 159 -11.92 4.67 11.49
C PHE A 159 -11.92 5.89 12.41
N GLU A 168 -15.78 -4.58 18.37
CA GLU A 168 -16.65 -3.60 17.73
C GLU A 168 -16.75 -3.85 16.23
N GLU A 169 -16.98 -2.78 15.48
CA GLU A 169 -17.05 -2.87 14.02
C GLU A 169 -15.66 -3.17 13.45
N LYS A 170 -14.65 -2.50 13.99
CA LYS A 170 -13.28 -2.69 13.53
C LYS A 170 -12.82 -4.12 13.77
N ASP A 171 -13.27 -4.70 14.88
CA ASP A 171 -12.93 -6.08 15.19
CA ASP A 171 -12.93 -6.08 15.19
C ASP A 171 -13.70 -7.04 14.30
N HIS A 172 -14.92 -6.64 13.94
CA HIS A 172 -15.75 -7.46 13.04
C HIS A 172 -15.07 -7.59 11.69
N ILE A 173 -14.52 -6.48 11.21
CA ILE A 173 -13.84 -6.44 9.92
C ILE A 173 -12.63 -7.35 9.91
N HIS A 174 -11.86 -7.34 11.00
CA HIS A 174 -10.66 -8.15 11.08
C HIS A 174 -10.96 -9.65 11.04
N ARG A 175 -12.00 -10.09 11.75
CA ARG A 175 -12.34 -11.51 11.68
C ARG A 175 -12.87 -11.94 10.31
N VAL A 176 -13.50 -11.02 9.58
CA VAL A 176 -13.85 -11.31 8.19
C VAL A 176 -12.58 -11.48 7.37
N LEU A 177 -11.64 -10.55 7.56
CA LEU A 177 -10.37 -10.60 6.85
C LEU A 177 -9.61 -11.89 7.14
N ASP A 178 -9.59 -12.30 8.41
CA ASP A 178 -8.96 -13.55 8.79
C ASP A 178 -9.61 -14.71 8.02
N LYS A 179 -10.94 -14.68 7.94
CA LYS A 179 -11.67 -15.71 7.21
C LYS A 179 -11.26 -15.76 5.74
N ILE A 180 -10.87 -14.61 5.20
CA ILE A 180 -10.44 -14.55 3.81
C ILE A 180 -9.01 -15.04 3.65
N THR A 181 -8.22 -14.92 4.72
CA THR A 181 -6.87 -15.48 4.72
C THR A 181 -6.96 -17.01 4.72
N ASP A 182 -7.80 -17.54 5.58
CA ASP A 182 -8.05 -18.98 5.62
C ASP A 182 -8.45 -19.48 4.24
N THR A 183 -9.33 -18.71 3.58
CA THR A 183 -9.83 -19.07 2.26
C THR A 183 -8.74 -19.08 1.19
N LEU A 184 -7.90 -18.05 1.20
CA LEU A 184 -6.77 -17.97 0.28
C LEU A 184 -5.83 -19.17 0.42
N ILE A 185 -5.50 -19.50 1.66
CA ILE A 185 -4.64 -20.64 1.95
C ILE A 185 -5.30 -21.93 1.50
N HIS A 186 -6.57 -22.08 1.86
CA HIS A 186 -7.37 -23.23 1.47
C HIS A 186 -7.31 -23.44 -0.04
N LEU A 187 -7.49 -22.36 -0.78
CA LEU A 187 -7.38 -22.37 -2.24
C LEU A 187 -6.01 -22.88 -2.68
N MET A 188 -4.97 -22.42 -2.01
CA MET A 188 -3.60 -22.75 -2.37
C MET A 188 -3.27 -24.21 -2.06
N ALA A 189 -3.76 -24.71 -0.94
CA ALA A 189 -3.62 -26.13 -0.63
C ALA A 189 -4.29 -26.94 -1.73
N LYS A 190 -5.56 -26.65 -1.96
CA LYS A 190 -6.35 -27.32 -3.00
C LYS A 190 -5.62 -27.36 -4.34
N ALA A 191 -4.81 -26.34 -4.60
CA ALA A 191 -4.05 -26.26 -5.85
C ALA A 191 -2.77 -27.09 -5.76
N GLY A 192 -2.54 -27.70 -4.60
CA GLY A 192 -1.42 -28.59 -4.40
C GLY A 192 -0.09 -27.91 -4.15
N LEU A 193 -0.12 -26.66 -3.71
CA LEU A 193 1.10 -25.98 -3.31
C LEU A 193 1.54 -26.52 -1.96
N THR A 194 2.85 -26.63 -1.75
CA THR A 194 3.35 -27.09 -0.46
C THR A 194 2.97 -26.07 0.59
N LEU A 195 3.15 -26.44 1.86
CA LEU A 195 2.78 -25.56 2.96
C LEU A 195 3.64 -24.30 2.98
N GLN A 196 4.92 -24.45 2.65
CA GLN A 196 5.82 -23.31 2.58
C GLN A 196 5.47 -22.41 1.40
N GLN A 197 5.15 -23.03 0.27
CA GLN A 197 4.73 -22.29 -0.92
C GLN A 197 3.48 -21.48 -0.63
N GLN A 198 2.59 -22.05 0.18
CA GLN A 198 1.36 -21.37 0.55
C GLN A 198 1.64 -20.06 1.26
N HIS A 199 2.44 -20.12 2.34
CA HIS A 199 2.70 -18.90 3.09
C HIS A 199 3.52 -17.90 2.28
N GLN A 200 4.37 -18.40 1.39
CA GLN A 200 5.13 -17.54 0.49
C GLN A 200 4.22 -16.86 -0.54
N ARG A 201 3.31 -17.61 -1.16
CA ARG A 201 2.37 -17.03 -2.12
C ARG A 201 1.47 -16.01 -1.45
N LEU A 202 0.93 -16.35 -0.28
CA LEU A 202 0.11 -15.42 0.48
C LEU A 202 0.80 -14.08 0.66
N ALA A 203 2.08 -14.13 1.05
CA ALA A 203 2.87 -12.92 1.27
C ALA A 203 3.07 -12.14 -0.03
N GLN A 204 3.38 -12.86 -1.10
CA GLN A 204 3.56 -12.23 -2.41
C GLN A 204 2.30 -11.49 -2.85
N LEU A 205 1.15 -12.16 -2.78
CA LEU A 205 -0.11 -11.56 -3.19
C LEU A 205 -0.45 -10.30 -2.38
N LEU A 206 -0.30 -10.37 -1.07
CA LEU A 206 -0.65 -9.25 -0.19
C LEU A 206 0.29 -8.06 -0.33
N LEU A 207 1.56 -8.33 -0.63
CA LEU A 207 2.53 -7.26 -0.81
C LEU A 207 2.24 -6.47 -2.10
N ILE A 208 1.58 -7.11 -3.05
CA ILE A 208 1.18 -6.44 -4.28
C ILE A 208 0.10 -5.41 -3.97
N LEU A 209 -0.67 -5.66 -2.91
CA LEU A 209 -1.71 -4.72 -2.48
C LEU A 209 -1.11 -3.38 -2.09
N SER A 210 0.11 -3.39 -1.56
CA SER A 210 0.78 -2.15 -1.19
C SER A 210 1.03 -1.30 -2.43
N HIS A 211 1.27 -1.96 -3.55
CA HIS A 211 1.56 -1.26 -4.80
C HIS A 211 0.28 -0.80 -5.47
N ILE A 212 -0.80 -1.54 -5.26
CA ILE A 212 -2.10 -1.10 -5.71
C ILE A 212 -2.53 0.12 -4.92
N ARG A 213 -2.26 0.12 -3.61
CA ARG A 213 -2.51 1.31 -2.80
C ARG A 213 -1.74 2.48 -3.40
N HIS A 214 -0.45 2.25 -3.68
CA HIS A 214 0.42 3.26 -4.26
C HIS A 214 -0.17 3.83 -5.54
N MET A 215 -0.53 2.93 -6.47
CA MET A 215 -1.11 3.34 -7.74
C MET A 215 -2.38 4.17 -7.56
N SER A 216 -3.24 3.74 -6.64
CA SER A 216 -4.48 4.45 -6.38
C SER A 216 -4.20 5.90 -5.95
N ASN A 217 -3.30 6.06 -4.99
CA ASN A 217 -2.97 7.39 -4.47
C ASN A 217 -2.38 8.31 -5.54
N LYS A 218 -1.49 7.78 -6.38
CA LYS A 218 -0.89 8.57 -7.45
C LYS A 218 -1.93 8.91 -8.50
N GLY A 219 -2.85 7.97 -8.74
CA GLY A 219 -3.92 8.19 -9.69
C GLY A 219 -4.88 9.24 -9.18
N MET A 220 -5.22 9.14 -7.90
CA MET A 220 -6.12 10.08 -7.25
C MET A 220 -5.63 11.52 -7.43
N GLU A 221 -4.32 11.69 -7.27
CA GLU A 221 -3.70 13.00 -7.35
C GLU A 221 -3.73 13.58 -8.77
N HIS A 222 -3.56 12.73 -9.78
CA HIS A 222 -3.70 13.16 -11.17
C HIS A 222 -5.15 13.51 -11.49
N LEU A 223 -6.07 12.70 -10.96
CA LEU A 223 -7.50 12.94 -11.16
C LEU A 223 -7.90 14.30 -10.59
N TYR A 224 -7.49 14.57 -9.36
CA TYR A 224 -7.84 15.83 -8.72
C TYR A 224 -7.27 17.00 -9.49
N SER A 225 -6.03 16.86 -9.95
CA SER A 225 -5.39 17.89 -10.77
C SER A 225 -6.25 18.22 -11.98
N MET A 226 -6.68 17.17 -12.69
CA MET A 226 -7.47 17.36 -13.91
C MET A 226 -8.86 17.90 -13.63
N LYS A 227 -9.48 17.43 -12.55
CA LYS A 227 -10.78 17.93 -12.13
C LYS A 227 -10.71 19.42 -11.81
N CYS A 228 -9.57 19.84 -11.25
CA CYS A 228 -9.34 21.24 -10.92
C CYS A 228 -8.94 22.06 -12.14
N LYS A 229 -8.68 21.37 -13.25
CA LYS A 229 -8.38 22.04 -14.50
C LYS A 229 -9.50 21.84 -15.51
N ASN A 230 -10.64 21.37 -15.02
CA ASN A 230 -11.85 21.21 -15.83
C ASN A 230 -11.65 20.46 -17.13
N VAL A 231 -10.81 19.44 -17.10
CA VAL A 231 -10.51 18.67 -18.31
C VAL A 231 -11.70 17.86 -18.79
N VAL A 232 -12.56 17.46 -17.84
CA VAL A 232 -13.62 16.52 -18.13
C VAL A 232 -14.75 16.61 -17.11
N PRO A 233 -16.01 16.64 -17.57
CA PRO A 233 -17.13 16.68 -16.64
C PRO A 233 -17.25 15.36 -15.88
N LEU A 234 -17.19 15.44 -14.55
CA LEU A 234 -17.29 14.25 -13.71
C LEU A 234 -18.67 14.12 -13.11
N SER A 235 -19.22 12.90 -13.15
CA SER A 235 -20.48 12.63 -12.50
C SER A 235 -20.40 13.10 -11.05
N ASP A 236 -21.53 13.39 -10.46
CA ASP A 236 -21.56 13.83 -9.07
C ASP A 236 -21.05 12.75 -8.12
N LEU A 237 -21.28 11.49 -8.48
CA LEU A 237 -20.76 10.39 -7.69
C LEU A 237 -19.24 10.47 -7.64
N LEU A 238 -18.62 10.55 -8.82
CA LEU A 238 -17.17 10.65 -8.94
C LEU A 238 -16.62 11.85 -8.22
N LEU A 239 -17.33 12.97 -8.30
CA LEU A 239 -16.92 14.18 -7.60
C LEU A 239 -16.77 13.90 -6.10
N GLU A 240 -17.77 13.25 -5.52
CA GLU A 240 -17.79 12.98 -4.09
C GLU A 240 -16.77 11.92 -3.66
N MET A 241 -16.56 10.90 -4.49
CA MET A 241 -15.51 9.92 -4.23
C MET A 241 -14.14 10.60 -4.28
N LEU A 242 -14.02 11.52 -5.25
CA LEU A 242 -12.78 12.26 -5.46
C LEU A 242 -12.54 13.22 -4.30
N ASP A 243 -13.60 13.87 -3.84
CA ASP A 243 -13.54 14.75 -2.69
C ASP A 243 -13.12 14.01 -1.43
N ALA A 244 -13.56 12.76 -1.32
CA ALA A 244 -13.30 11.96 -0.13
C ALA A 244 -11.81 11.88 0.19
N HIS A 245 -10.98 12.01 -0.84
CA HIS A 245 -9.54 11.92 -0.68
C HIS A 245 -8.88 13.30 -0.56
N ARG A 246 -9.71 14.31 -0.31
CA ARG A 246 -9.23 15.68 -0.19
C ARG A 246 -8.32 16.05 -1.37
N SER B 3 24.44 -17.01 -2.74
CA SER B 3 24.49 -15.56 -2.73
C SER B 3 24.38 -15.00 -1.31
N LEU B 4 24.94 -15.73 -0.34
CA LEU B 4 25.00 -15.32 1.05
C LEU B 4 23.66 -15.17 1.79
N ALA B 5 22.77 -14.33 1.26
CA ALA B 5 21.50 -14.07 1.94
C ALA B 5 20.53 -15.25 1.85
N LEU B 6 20.61 -15.99 0.77
CA LEU B 6 19.71 -17.12 0.53
C LEU B 6 20.10 -18.34 1.36
N SER B 7 21.36 -18.37 1.80
CA SER B 7 21.85 -19.50 2.57
C SER B 7 21.61 -19.30 4.06
N LEU B 8 21.31 -18.07 4.44
CA LEU B 8 21.05 -17.73 5.83
C LEU B 8 19.86 -18.53 6.37
N THR B 9 19.96 -18.93 7.63
CA THR B 9 18.87 -19.60 8.31
C THR B 9 17.92 -18.56 8.89
N ALA B 10 16.74 -19.01 9.31
CA ALA B 10 15.76 -18.11 9.91
C ALA B 10 16.31 -17.38 11.13
N ASP B 11 17.00 -18.12 12.00
CA ASP B 11 17.59 -17.54 13.20
C ASP B 11 18.70 -16.55 12.87
N GLN B 12 19.43 -16.84 11.80
CA GLN B 12 20.51 -15.96 11.35
C GLN B 12 19.97 -14.69 10.70
N MET B 13 18.85 -14.81 10.01
CA MET B 13 18.19 -13.66 9.39
C MET B 13 17.79 -12.66 10.47
N VAL B 14 17.05 -13.14 11.46
CA VAL B 14 16.67 -12.34 12.61
C VAL B 14 17.90 -11.68 13.23
N SER B 15 18.90 -12.49 13.54
CA SER B 15 20.15 -11.99 14.11
C SER B 15 20.77 -10.90 13.25
N ALA B 16 20.88 -11.16 11.95
CA ALA B 16 21.43 -10.20 11.02
C ALA B 16 20.66 -8.89 11.07
N LEU B 17 19.33 -8.98 11.09
CA LEU B 17 18.48 -7.81 11.11
C LEU B 17 18.56 -7.03 12.42
N LEU B 18 18.46 -7.74 13.55
CA LEU B 18 18.58 -7.10 14.86
C LEU B 18 19.90 -6.36 14.98
N ASP B 19 20.96 -6.93 14.41
CA ASP B 19 22.29 -6.34 14.50
C ASP B 19 22.44 -5.17 13.54
N ALA B 20 21.61 -5.14 12.50
CA ALA B 20 21.67 -4.08 11.51
C ALA B 20 20.94 -2.82 11.98
N GLU B 21 20.09 -2.99 13.00
CA GLU B 21 19.25 -1.89 13.50
C GLU B 21 20.01 -0.59 13.70
N PRO B 22 19.46 0.52 13.17
CA PRO B 22 20.03 1.85 13.38
C PRO B 22 19.82 2.27 14.82
N PRO B 23 20.55 3.29 15.26
CA PRO B 23 20.39 3.87 16.61
C PRO B 23 19.19 4.80 16.67
N ILE B 24 18.74 5.11 17.88
CA ILE B 24 17.63 6.04 18.06
C ILE B 24 18.15 7.46 18.32
N LEU B 25 18.04 8.32 17.32
CA LEU B 25 18.55 9.69 17.43
C LEU B 25 17.68 10.56 18.34
N TYR B 26 18.29 11.57 18.94
CA TYR B 26 17.56 12.53 19.76
C TYR B 26 17.21 13.76 18.92
N SER B 27 16.22 14.53 19.38
CA SER B 27 15.87 15.79 18.72
C SER B 27 16.72 16.91 19.30
N GLU B 28 16.66 18.08 18.67
CA GLU B 28 17.37 19.24 19.20
C GLU B 28 16.39 20.18 19.89
N TYR B 29 15.25 19.61 20.30
CA TYR B 29 14.28 20.34 21.11
C TYR B 29 14.92 20.70 22.45
N ASP B 30 14.56 21.87 22.97
CA ASP B 30 15.25 22.47 24.10
C ASP B 30 14.25 23.34 24.86
N PRO B 31 14.63 23.90 26.02
CA PRO B 31 13.73 24.83 26.71
C PRO B 31 13.16 25.97 25.86
N THR B 32 13.55 26.06 24.59
CA THR B 32 13.05 27.10 23.72
C THR B 32 11.52 27.22 23.79
N ARG B 33 10.89 26.22 24.38
CA ARG B 33 9.43 26.20 24.52
C ARG B 33 8.84 27.59 24.29
N PRO B 34 7.83 27.67 23.43
CA PRO B 34 7.30 26.48 22.74
C PRO B 34 7.75 26.40 21.29
N PHE B 35 6.80 26.31 20.37
CA PHE B 35 7.11 26.19 18.94
C PHE B 35 5.98 26.68 18.05
N SER B 36 6.33 27.07 16.82
CA SER B 36 5.35 27.55 15.86
C SER B 36 5.29 26.52 14.74
N GLU B 37 4.53 26.84 13.69
CA GLU B 37 4.52 25.98 12.52
C GLU B 37 5.97 25.74 12.12
N ALA B 38 6.69 26.82 11.85
CA ALA B 38 8.13 26.75 11.67
C ALA B 38 8.79 26.66 13.05
N SER B 39 9.53 25.57 13.27
CA SER B 39 10.13 25.23 14.56
C SER B 39 9.90 23.75 14.78
N MET B 40 8.62 23.38 14.89
CA MET B 40 8.21 22.00 14.96
C MET B 40 8.58 21.29 13.66
N MET B 41 8.29 21.93 12.53
CA MET B 41 8.65 21.40 11.23
C MET B 41 10.15 21.18 11.13
N GLY B 42 10.91 22.10 11.70
CA GLY B 42 12.37 22.04 11.67
C GLY B 42 12.92 20.83 12.39
N LEU B 43 12.34 20.52 13.54
CA LEU B 43 12.77 19.37 14.34
C LEU B 43 12.51 18.08 13.58
N LEU B 44 11.32 17.96 13.02
CA LEU B 44 10.92 16.76 12.30
C LEU B 44 11.85 16.46 11.13
N THR B 45 12.12 17.48 10.33
CA THR B 45 12.95 17.33 9.13
C THR B 45 14.43 17.18 9.43
N ASN B 46 14.93 17.95 10.40
CA ASN B 46 16.30 17.78 10.85
C ASN B 46 16.50 16.34 11.33
N LEU B 47 15.54 15.88 12.13
CA LEU B 47 15.52 14.52 12.63
C LEU B 47 15.57 13.51 11.49
N ALA B 48 14.59 13.59 10.60
CA ALA B 48 14.50 12.68 9.48
C ALA B 48 15.76 12.74 8.62
N ASP B 49 16.28 13.95 8.43
CA ASP B 49 17.50 14.13 7.67
C ASP B 49 18.64 13.32 8.31
N ARG B 50 18.79 13.46 9.61
CA ARG B 50 19.86 12.76 10.32
C ARG B 50 19.67 11.24 10.34
N GLU B 51 18.41 10.79 10.42
CA GLU B 51 18.13 9.35 10.38
C GLU B 51 18.41 8.75 9.00
N LEU B 52 18.29 9.56 7.97
CA LEU B 52 18.52 9.10 6.60
C LEU B 52 19.91 8.53 6.41
N VAL B 53 20.91 9.19 6.99
CA VAL B 53 22.28 8.71 6.90
C VAL B 53 22.39 7.32 7.50
N HIS B 54 21.75 7.11 8.65
CA HIS B 54 21.78 5.82 9.34
C HIS B 54 20.95 4.76 8.62
N MET B 55 19.89 5.20 7.94
CA MET B 55 19.05 4.28 7.19
C MET B 55 19.82 3.67 6.02
N ILE B 56 20.62 4.51 5.35
CA ILE B 56 21.42 4.08 4.21
C ILE B 56 22.43 3.01 4.61
N ASN B 57 23.09 3.21 5.75
CA ASN B 57 24.03 2.21 6.24
C ASN B 57 23.32 0.96 6.78
N TRP B 58 22.09 1.16 7.27
CA TRP B 58 21.27 0.03 7.69
C TRP B 58 20.84 -0.81 6.48
N ALA B 59 20.45 -0.12 5.41
CA ALA B 59 20.02 -0.81 4.18
C ALA B 59 21.12 -1.71 3.63
N LYS B 60 22.35 -1.21 3.63
CA LYS B 60 23.50 -1.96 3.15
C LYS B 60 23.68 -3.27 3.91
N ARG B 61 23.14 -3.33 5.11
CA ARG B 61 23.30 -4.51 5.96
C ARG B 61 22.07 -5.41 5.91
N VAL B 62 21.05 -5.00 5.18
CA VAL B 62 19.91 -5.87 4.96
C VAL B 62 20.31 -6.96 3.98
N PRO B 63 20.33 -8.21 4.44
CA PRO B 63 20.82 -9.33 3.63
C PRO B 63 20.22 -9.32 2.24
N GLY B 64 21.07 -9.33 1.22
CA GLY B 64 20.61 -9.33 -0.16
C GLY B 64 20.64 -7.96 -0.82
N PHE B 65 20.64 -6.90 -0.03
CA PHE B 65 20.61 -5.54 -0.57
C PHE B 65 21.89 -5.20 -1.34
N VAL B 66 23.04 -5.53 -0.76
CA VAL B 66 24.33 -5.24 -1.37
C VAL B 66 24.50 -5.90 -2.74
N ASP B 67 23.82 -7.04 -2.93
CA ASP B 67 23.94 -7.80 -4.17
C ASP B 67 23.31 -7.09 -5.37
N LEU B 68 22.60 -6.00 -5.12
CA LEU B 68 21.88 -5.27 -6.17
C LEU B 68 22.72 -4.14 -6.74
N THR B 69 22.44 -3.76 -8.00
CA THR B 69 23.14 -2.63 -8.62
C THR B 69 22.96 -1.38 -7.79
N LEU B 70 23.89 -0.44 -7.92
CA LEU B 70 23.81 0.80 -7.19
C LEU B 70 22.56 1.59 -7.59
N HIS B 71 22.19 1.47 -8.86
CA HIS B 71 20.98 2.13 -9.35
C HIS B 71 19.73 1.57 -8.67
N ASP B 72 19.69 0.25 -8.53
CA ASP B 72 18.54 -0.39 -7.90
C ASP B 72 18.47 -0.15 -6.40
N GLN B 73 19.63 -0.12 -5.75
CA GLN B 73 19.69 0.22 -4.34
C GLN B 73 19.13 1.62 -4.14
N VAL B 74 19.58 2.55 -4.98
CA VAL B 74 19.11 3.92 -4.97
C VAL B 74 17.60 4.01 -5.16
N HIS B 75 17.08 3.31 -6.15
CA HIS B 75 15.64 3.33 -6.41
C HIS B 75 14.83 2.80 -5.23
N LEU B 76 15.32 1.74 -4.60
CA LEU B 76 14.64 1.17 -3.44
C LEU B 76 14.54 2.19 -2.30
N LEU B 77 15.66 2.77 -1.91
CA LEU B 77 15.68 3.75 -0.83
C LEU B 77 14.85 4.99 -1.16
N GLU B 78 14.91 5.43 -2.42
CA GLU B 78 14.13 6.60 -2.85
C GLU B 78 12.64 6.36 -2.68
N CYS B 79 12.18 5.14 -2.97
CA CYS B 79 10.77 4.80 -2.85
C CYS B 79 10.36 4.60 -1.40
N ALA B 80 11.29 4.07 -0.60
CA ALA B 80 10.93 3.51 0.70
C ALA B 80 11.22 4.40 1.92
N TRP B 81 12.10 5.38 1.77
CA TRP B 81 12.64 6.10 2.92
C TRP B 81 11.61 6.59 3.94
N LEU B 82 10.53 7.24 3.48
CA LEU B 82 9.54 7.77 4.40
C LEU B 82 8.70 6.67 5.04
N GLU B 83 8.45 5.60 4.29
CA GLU B 83 7.78 4.42 4.84
C GLU B 83 8.59 3.85 5.98
N ILE B 84 9.89 3.71 5.73
CA ILE B 84 10.81 3.13 6.70
C ILE B 84 10.89 4.00 7.95
N LEU B 85 10.95 5.32 7.77
CA LEU B 85 10.94 6.24 8.89
C LEU B 85 9.64 6.11 9.69
N MET B 86 8.52 6.02 8.98
CA MET B 86 7.20 5.95 9.61
C MET B 86 6.98 4.69 10.45
N ILE B 87 7.35 3.53 9.91
CA ILE B 87 7.18 2.30 10.66
C ILE B 87 8.13 2.30 11.86
N GLY B 88 9.28 2.94 11.71
CA GLY B 88 10.18 3.13 12.83
C GLY B 88 9.47 3.91 13.91
N LEU B 89 8.94 5.07 13.54
CA LEU B 89 8.20 5.93 14.46
C LEU B 89 7.08 5.18 15.19
N VAL B 90 6.21 4.51 14.44
CA VAL B 90 5.08 3.84 15.06
C VAL B 90 5.57 2.71 15.98
N TRP B 91 6.66 2.06 15.60
CA TRP B 91 7.25 1.02 16.44
C TRP B 91 7.67 1.54 17.81
N ARG B 92 8.47 2.59 17.84
CA ARG B 92 8.92 3.14 19.12
C ARG B 92 7.82 3.93 19.83
N SER B 93 6.68 4.10 19.18
CA SER B 93 5.54 4.78 19.80
C SER B 93 4.52 3.77 20.35
N MET B 94 4.79 2.50 20.12
CA MET B 94 3.86 1.43 20.54
C MET B 94 3.36 1.57 21.97
N GLU B 95 4.29 1.66 22.92
CA GLU B 95 3.92 1.66 24.33
C GLU B 95 3.55 3.05 24.83
N HIS B 96 3.39 3.99 23.90
CA HIS B 96 2.99 5.35 24.25
C HIS B 96 1.66 5.70 23.61
N PRO B 97 0.58 5.02 24.02
CA PRO B 97 -0.75 5.28 23.44
C PRO B 97 -1.03 6.78 23.37
N GLY B 98 -1.52 7.24 22.23
CA GLY B 98 -1.90 8.63 22.07
C GLY B 98 -0.76 9.58 21.83
N LYS B 99 0.47 9.06 21.75
CA LYS B 99 1.65 9.89 21.53
C LYS B 99 2.55 9.32 20.43
N LEU B 100 3.25 10.21 19.73
CA LEU B 100 4.23 9.78 18.74
C LEU B 100 5.64 10.10 19.22
N LEU B 101 6.45 9.06 19.40
CA LEU B 101 7.80 9.22 19.91
C LEU B 101 8.80 9.37 18.77
N PHE B 102 8.94 10.60 18.28
CA PHE B 102 9.92 10.89 17.24
C PHE B 102 11.33 10.72 17.78
N ALA B 103 11.53 11.12 19.03
CA ALA B 103 12.79 10.95 19.72
C ALA B 103 12.53 10.82 21.22
N PRO B 104 13.46 10.18 21.95
CA PRO B 104 13.27 10.04 23.39
C PRO B 104 12.98 11.39 24.06
N ASN B 105 13.46 12.48 23.46
CA ASN B 105 13.22 13.82 23.99
C ASN B 105 12.19 14.60 23.17
N LEU B 106 11.52 13.91 22.26
CA LEU B 106 10.48 14.54 21.45
C LEU B 106 9.24 13.66 21.37
N LEU B 107 8.41 13.72 22.40
CA LEU B 107 7.24 12.87 22.52
C LEU B 107 5.96 13.68 22.34
N LEU B 108 5.42 13.67 21.13
CA LEU B 108 4.29 14.53 20.79
C LEU B 108 2.95 13.82 20.88
N ASP B 109 1.95 14.52 21.42
CA ASP B 109 0.56 14.05 21.31
C ASP B 109 -0.10 14.74 20.12
N ARG B 110 -1.30 14.30 19.77
CA ARG B 110 -1.94 14.74 18.52
C ARG B 110 -2.24 16.23 18.46
N ASN B 111 -2.43 16.85 19.63
CA ASN B 111 -2.75 18.27 19.68
C ASN B 111 -1.58 19.14 19.22
N GLN B 112 -0.37 18.70 19.53
CA GLN B 112 0.83 19.40 19.08
C GLN B 112 0.97 19.30 17.57
N GLY B 113 0.42 18.23 17.00
CA GLY B 113 0.44 18.04 15.56
C GLY B 113 -0.48 19.00 14.83
N LYS B 114 -1.41 19.59 15.57
CA LYS B 114 -2.32 20.57 15.00
C LYS B 114 -1.54 21.80 14.56
N CYS B 115 -0.57 22.20 15.39
CA CYS B 115 0.39 23.21 14.98
C CYS B 115 1.25 22.56 13.92
N VAL B 116 1.15 23.09 12.70
CA VAL B 116 1.61 22.43 11.46
C VAL B 116 0.36 21.89 10.77
N GLU B 117 0.06 22.42 9.58
CA GLU B 117 -1.18 22.08 8.88
C GLU B 117 -1.14 20.72 8.20
N GLY B 118 -2.28 20.03 8.22
CA GLY B 118 -2.41 18.75 7.57
C GLY B 118 -1.68 17.64 8.30
N MET B 119 -0.86 18.03 9.28
CA MET B 119 -0.11 17.07 10.07
C MET B 119 -1.05 16.21 10.91
N VAL B 120 -2.12 16.82 11.41
CA VAL B 120 -3.11 16.12 12.22
C VAL B 120 -3.48 14.79 11.58
N GLU B 121 -3.98 14.84 10.35
CA GLU B 121 -4.45 13.65 9.65
C GLU B 121 -3.36 12.58 9.53
N ILE B 122 -2.13 13.01 9.24
CA ILE B 122 -1.01 12.08 9.17
C ILE B 122 -0.73 11.53 10.56
N PHE B 123 -0.81 12.42 11.55
CA PHE B 123 -0.64 12.07 12.95
C PHE B 123 -1.61 10.97 13.35
N ASP B 124 -2.88 11.16 13.03
CA ASP B 124 -3.93 10.22 13.42
C ASP B 124 -3.69 8.84 12.80
N MET B 125 -3.20 8.82 11.57
CA MET B 125 -2.94 7.57 10.89
C MET B 125 -1.77 6.84 11.53
N LEU B 126 -0.72 7.57 11.86
CA LEU B 126 0.43 7.00 12.55
C LEU B 126 0.03 6.42 13.91
N LEU B 127 -0.80 7.16 14.64
CA LEU B 127 -1.29 6.69 15.94
C LEU B 127 -2.12 5.42 15.83
N ALA B 128 -3.02 5.39 14.85
CA ALA B 128 -3.88 4.22 14.64
C ALA B 128 -3.05 3.00 14.26
N THR B 129 -1.99 3.23 13.49
CA THR B 129 -1.07 2.16 13.13
C THR B 129 -0.34 1.68 14.37
N SER B 130 0.09 2.62 15.21
CA SER B 130 0.79 2.30 16.45
C SER B 130 -0.12 1.50 17.38
N SER B 131 -1.37 1.93 17.49
CA SER B 131 -2.35 1.24 18.31
C SER B 131 -2.58 -0.17 17.79
N ARG B 132 -2.62 -0.31 16.46
CA ARG B 132 -2.78 -1.61 15.83
C ARG B 132 -1.63 -2.53 16.19
N PHE B 133 -0.40 -2.02 16.05
CA PHE B 133 0.78 -2.78 16.44
C PHE B 133 0.71 -3.17 17.92
N ARG B 134 0.29 -2.22 18.74
CA ARG B 134 0.14 -2.50 20.17
C ARG B 134 -0.85 -3.62 20.40
N MET B 135 -2.01 -3.54 19.74
CA MET B 135 -3.04 -4.56 19.95
C MET B 135 -2.59 -5.94 19.48
N MET B 136 -1.81 -5.98 18.40
CA MET B 136 -1.27 -7.24 17.90
C MET B 136 -0.10 -7.73 18.75
N ASN B 137 0.33 -6.90 19.69
CA ASN B 137 1.54 -7.18 20.45
C ASN B 137 2.70 -7.49 19.53
N LEU B 138 2.90 -6.62 18.53
CA LEU B 138 4.01 -6.77 17.60
C LEU B 138 5.31 -7.00 18.34
N GLN B 139 6.08 -7.98 17.89
CA GLN B 139 7.36 -8.31 18.51
C GLN B 139 8.51 -7.69 17.73
N GLY B 140 9.58 -7.34 18.43
CA GLY B 140 10.73 -6.67 17.83
C GLY B 140 11.31 -7.38 16.64
N GLU B 141 11.41 -8.71 16.72
CA GLU B 141 11.96 -9.51 15.63
C GLU B 141 11.04 -9.48 14.42
N GLU B 142 9.75 -9.28 14.67
CA GLU B 142 8.78 -9.16 13.59
C GLU B 142 8.90 -7.80 12.92
N PHE B 143 9.14 -6.78 13.73
CA PHE B 143 9.30 -5.42 13.21
C PHE B 143 10.46 -5.29 12.24
N VAL B 144 11.61 -5.89 12.57
CA VAL B 144 12.77 -5.80 11.68
C VAL B 144 12.52 -6.54 10.37
N CYS B 145 11.80 -7.64 10.41
CA CYS B 145 11.39 -8.32 9.19
C CYS B 145 10.51 -7.39 8.35
N LEU B 146 9.46 -6.85 8.96
CA LEU B 146 8.55 -5.94 8.27
C LEU B 146 9.29 -4.77 7.62
N LYS B 147 10.21 -4.16 8.37
CA LYS B 147 10.97 -3.01 7.90
C LYS B 147 11.82 -3.36 6.67
N SER B 148 12.46 -4.53 6.71
CA SER B 148 13.25 -5.00 5.58
C SER B 148 12.35 -5.28 4.37
N ILE B 149 11.21 -5.92 4.63
CA ILE B 149 10.23 -6.18 3.59
C ILE B 149 9.87 -4.90 2.83
N ILE B 150 9.63 -3.83 3.59
CA ILE B 150 9.32 -2.53 3.00
C ILE B 150 10.43 -2.05 2.07
N LEU B 151 11.67 -2.11 2.52
CA LEU B 151 12.80 -1.68 1.72
C LEU B 151 12.82 -2.40 0.39
N LEU B 152 12.66 -3.73 0.43
CA LEU B 152 12.77 -4.55 -0.75
C LEU B 152 11.54 -4.52 -1.65
N ASN B 153 10.37 -4.36 -1.06
CA ASN B 153 9.12 -4.46 -1.81
C ASN B 153 8.68 -3.15 -2.48
N SER B 154 8.67 -2.07 -1.72
CA SER B 154 8.00 -0.84 -2.14
C SER B 154 8.41 -0.26 -3.49
N GLY B 155 9.59 -0.63 -3.98
CA GLY B 155 10.07 -0.10 -5.24
C GLY B 155 10.30 -1.11 -6.34
N VAL B 156 10.17 -2.40 -6.01
CA VAL B 156 10.52 -3.47 -6.93
C VAL B 156 9.69 -3.49 -8.22
N TYR B 157 8.46 -2.98 -8.16
CA TYR B 157 7.58 -3.03 -9.33
C TYR B 157 7.74 -1.82 -10.24
N THR B 158 8.58 -0.87 -9.82
CA THR B 158 8.87 0.30 -10.64
C THR B 158 10.25 0.21 -11.27
N PHE B 159 10.77 -1.01 -11.37
CA PHE B 159 11.99 -1.29 -12.11
C PHE B 159 11.64 -1.45 -13.58
N LEU B 160 11.82 -2.68 -14.07
CA LEU B 160 11.46 -3.05 -15.44
C LEU B 160 11.76 -4.52 -15.73
N THR B 163 12.77 -4.27 -19.13
CA THR B 163 13.20 -5.55 -19.68
C THR B 163 14.71 -5.74 -19.51
N LEU B 164 15.27 -6.68 -20.28
CA LEU B 164 16.70 -6.97 -20.25
C LEU B 164 17.12 -7.70 -18.98
N LYS B 165 18.40 -7.60 -18.65
CA LYS B 165 18.96 -8.29 -17.50
C LYS B 165 18.64 -7.58 -16.18
N SER B 166 17.42 -7.07 -16.10
CA SER B 166 16.93 -6.43 -14.88
C SER B 166 15.98 -7.38 -14.17
N LEU B 167 15.45 -8.33 -14.92
CA LEU B 167 14.59 -9.37 -14.34
C LEU B 167 15.38 -10.21 -13.36
N GLU B 168 16.69 -10.29 -13.59
CA GLU B 168 17.58 -10.99 -12.67
C GLU B 168 17.56 -10.35 -11.30
N GLU B 169 17.49 -9.02 -11.28
CA GLU B 169 17.43 -8.27 -10.02
C GLU B 169 16.12 -8.54 -9.29
N LYS B 170 15.01 -8.35 -9.99
CA LYS B 170 13.69 -8.55 -9.41
C LYS B 170 13.55 -9.93 -8.80
N ASP B 171 14.04 -10.94 -9.52
CA ASP B 171 13.95 -12.32 -9.06
C ASP B 171 14.74 -12.50 -7.77
N HIS B 172 15.91 -11.88 -7.71
CA HIS B 172 16.74 -11.95 -6.51
C HIS B 172 16.04 -11.32 -5.31
N ILE B 173 15.39 -10.17 -5.54
CA ILE B 173 14.68 -9.47 -4.47
C ILE B 173 13.51 -10.30 -3.95
N HIS B 174 12.87 -11.05 -4.84
CA HIS B 174 11.74 -11.89 -4.44
C HIS B 174 12.19 -13.15 -3.69
N ARG B 175 13.35 -13.68 -4.05
CA ARG B 175 13.90 -14.82 -3.33
C ARG B 175 14.20 -14.41 -1.89
N VAL B 176 14.81 -13.23 -1.73
CA VAL B 176 15.09 -12.69 -0.40
C VAL B 176 13.78 -12.41 0.35
N LEU B 177 12.80 -11.86 -0.36
CA LEU B 177 11.50 -11.58 0.24
C LEU B 177 10.85 -12.86 0.77
N ASP B 178 10.92 -13.94 -0.01
CA ASP B 178 10.43 -15.23 0.45
C ASP B 178 11.16 -15.65 1.72
N LYS B 179 12.48 -15.49 1.72
CA LYS B 179 13.28 -15.79 2.90
C LYS B 179 12.74 -15.08 4.13
N ILE B 180 12.40 -13.81 3.98
CA ILE B 180 11.91 -13.03 5.11
C ILE B 180 10.53 -13.52 5.55
N THR B 181 9.71 -13.96 4.60
CA THR B 181 8.42 -14.55 4.94
C THR B 181 8.64 -15.82 5.74
N ASP B 182 9.54 -16.68 5.26
CA ASP B 182 9.93 -17.87 6.00
C ASP B 182 10.33 -17.48 7.42
N THR B 183 11.06 -16.38 7.53
CA THR B 183 11.57 -15.92 8.81
C THR B 183 10.44 -15.47 9.75
N LEU B 184 9.46 -14.77 9.19
CA LEU B 184 8.29 -14.37 9.97
C LEU B 184 7.51 -15.59 10.45
N ILE B 185 7.26 -16.53 9.55
CA ILE B 185 6.56 -17.75 9.91
C ILE B 185 7.31 -18.47 11.02
N HIS B 186 8.62 -18.60 10.84
CA HIS B 186 9.48 -19.22 11.85
C HIS B 186 9.28 -18.58 13.22
N LEU B 187 9.35 -17.25 13.27
CA LEU B 187 9.17 -16.53 14.53
C LEU B 187 7.80 -16.84 15.16
N MET B 188 6.80 -17.08 14.31
CA MET B 188 5.46 -17.35 14.80
C MET B 188 5.28 -18.77 15.30
N ALA B 189 5.83 -19.73 14.55
CA ALA B 189 5.84 -21.11 15.02
C ALA B 189 6.57 -21.17 16.36
N LYS B 190 7.75 -20.57 16.41
CA LYS B 190 8.53 -20.51 17.65
C LYS B 190 7.68 -19.96 18.79
N ALA B 191 6.87 -18.95 18.50
CA ALA B 191 6.03 -18.32 19.50
C ALA B 191 4.87 -19.23 19.92
N GLY B 192 4.71 -20.33 19.20
CA GLY B 192 3.72 -21.34 19.57
C GLY B 192 2.40 -21.27 18.83
N LEU B 193 2.27 -20.31 17.92
CA LEU B 193 1.04 -20.15 17.16
C LEU B 193 0.78 -21.39 16.30
N THR B 194 -0.49 -21.78 16.18
CA THR B 194 -0.84 -22.87 15.29
C THR B 194 -0.64 -22.43 13.84
N LEU B 195 -0.73 -23.38 12.92
CA LEU B 195 -0.56 -23.08 11.51
C LEU B 195 -1.55 -22.02 11.06
N GLN B 196 -2.82 -22.22 11.38
CA GLN B 196 -3.87 -21.28 11.00
C GLN B 196 -3.57 -19.90 11.56
N GLN B 197 -3.11 -19.86 12.80
CA GLN B 197 -2.80 -18.59 13.47
C GLN B 197 -1.62 -17.89 12.79
N GLN B 198 -0.64 -18.66 12.35
CA GLN B 198 0.52 -18.12 11.66
C GLN B 198 0.12 -17.36 10.39
N HIS B 199 -0.54 -18.05 9.47
CA HIS B 199 -0.99 -17.45 8.23
C HIS B 199 -1.81 -16.19 8.49
N GLN B 200 -2.78 -16.30 9.39
CA GLN B 200 -3.59 -15.16 9.77
C GLN B 200 -2.74 -13.99 10.23
N ARG B 201 -1.81 -14.24 11.13
CA ARG B 201 -0.94 -13.18 11.63
C ARG B 201 -0.08 -12.59 10.52
N LEU B 202 0.49 -13.45 9.68
CA LEU B 202 1.27 -12.98 8.54
C LEU B 202 0.44 -11.99 7.73
N ALA B 203 -0.76 -12.41 7.36
CA ALA B 203 -1.67 -11.56 6.59
C ALA B 203 -1.93 -10.22 7.28
N GLN B 204 -2.25 -10.26 8.57
CA GLN B 204 -2.49 -9.05 9.34
C GLN B 204 -1.31 -8.10 9.27
N LEU B 205 -0.11 -8.65 9.38
CA LEU B 205 1.10 -7.83 9.38
C LEU B 205 1.30 -7.15 8.02
N LEU B 206 1.11 -7.89 6.94
CA LEU B 206 1.38 -7.36 5.61
C LEU B 206 0.33 -6.35 5.16
N LEU B 207 -0.92 -6.52 5.59
CA LEU B 207 -1.97 -5.59 5.23
C LEU B 207 -1.71 -4.21 5.83
N ILE B 208 -1.08 -4.18 7.00
CA ILE B 208 -0.72 -2.92 7.64
C ILE B 208 0.29 -2.16 6.77
N LEU B 209 1.05 -2.92 5.98
CA LEU B 209 2.02 -2.31 5.06
C LEU B 209 1.34 -1.46 3.98
N SER B 210 0.12 -1.83 3.62
CA SER B 210 -0.66 -1.04 2.67
CA SER B 210 -0.66 -1.03 2.68
C SER B 210 -1.01 0.31 3.28
N HIS B 211 -1.36 0.31 4.57
CA HIS B 211 -1.69 1.54 5.27
C HIS B 211 -0.42 2.39 5.41
N ILE B 212 0.70 1.74 5.64
CA ILE B 212 1.97 2.45 5.75
C ILE B 212 2.38 3.08 4.41
N ARG B 213 2.12 2.40 3.32
CA ARG B 213 2.32 2.98 2.00
C ARG B 213 1.46 4.22 1.85
N HIS B 214 0.20 4.10 2.28
CA HIS B 214 -0.76 5.19 2.19
C HIS B 214 -0.29 6.42 2.96
N MET B 215 0.23 6.21 4.16
CA MET B 215 0.73 7.32 4.97
C MET B 215 1.92 8.01 4.29
N SER B 216 2.83 7.21 3.74
CA SER B 216 3.97 7.76 3.03
C SER B 216 3.54 8.54 1.79
N ASN B 217 2.56 8.00 1.06
CA ASN B 217 2.00 8.71 -0.08
C ASN B 217 1.51 10.10 0.32
N LYS B 218 0.66 10.14 1.34
CA LYS B 218 0.10 11.40 1.82
C LYS B 218 1.19 12.31 2.37
N GLY B 219 1.99 11.78 3.30
CA GLY B 219 3.10 12.52 3.86
C GLY B 219 3.99 13.13 2.79
N MET B 220 4.34 12.32 1.81
CA MET B 220 5.17 12.79 0.71
C MET B 220 4.48 13.93 -0.02
N GLU B 221 3.16 13.84 -0.14
CA GLU B 221 2.38 14.91 -0.77
C GLU B 221 2.52 16.19 0.03
N HIS B 222 2.33 16.10 1.35
CA HIS B 222 2.41 17.26 2.22
C HIS B 222 3.83 17.82 2.27
N LEU B 223 4.82 16.95 2.38
CA LEU B 223 6.21 17.37 2.41
C LEU B 223 6.55 18.19 1.18
N TYR B 224 6.06 17.74 0.02
CA TYR B 224 6.28 18.46 -1.22
C TYR B 224 5.52 19.79 -1.21
N SER B 225 4.33 19.77 -0.60
CA SER B 225 3.53 20.98 -0.49
C SER B 225 4.30 22.04 0.28
N MET B 226 5.04 21.60 1.30
CA MET B 226 5.73 22.53 2.19
C MET B 226 7.08 23.01 1.68
N LYS B 227 7.70 22.27 0.77
CA LYS B 227 8.99 22.67 0.22
C LYS B 227 8.81 23.64 -0.94
N CYS B 228 7.63 23.62 -1.55
CA CYS B 228 7.30 24.57 -2.60
C CYS B 228 7.33 25.99 -2.06
N LYS B 229 6.69 26.19 -0.92
CA LYS B 229 6.61 27.50 -0.29
C LYS B 229 7.81 27.76 0.61
N PRO B 233 13.51 24.80 5.92
CA PRO B 233 14.69 24.57 5.09
C PRO B 233 15.13 23.12 5.13
N LEU B 234 14.82 22.37 4.07
CA LEU B 234 15.15 20.95 4.01
C LEU B 234 16.56 20.72 3.46
N SER B 235 17.24 19.72 4.02
CA SER B 235 18.60 19.40 3.59
C SER B 235 18.61 19.03 2.12
N ASP B 236 19.80 19.06 1.51
CA ASP B 236 19.94 18.68 0.11
C ASP B 236 19.53 17.22 -0.10
N LEU B 237 19.95 16.35 0.81
CA LEU B 237 19.57 14.95 0.76
C LEU B 237 18.05 14.77 0.75
N LEU B 238 17.39 15.36 1.75
CA LEU B 238 15.93 15.28 1.84
C LEU B 238 15.28 15.71 0.53
N LEU B 239 15.67 16.88 0.04
CA LEU B 239 15.13 17.43 -1.21
C LEU B 239 15.28 16.44 -2.36
N GLU B 240 16.43 15.78 -2.43
CA GLU B 240 16.66 14.79 -3.48
C GLU B 240 15.75 13.58 -3.31
N MET B 241 15.64 13.10 -2.08
CA MET B 241 14.77 11.97 -1.77
C MET B 241 13.33 12.30 -2.09
N LEU B 242 13.01 13.58 -2.07
CA LEU B 242 11.65 14.05 -2.26
C LEU B 242 11.34 14.24 -3.75
N ASP B 243 12.34 14.68 -4.50
CA ASP B 243 12.18 14.90 -5.93
C ASP B 243 11.91 13.61 -6.69
N ALA B 244 12.34 12.48 -6.13
CA ALA B 244 12.16 11.19 -6.78
C ALA B 244 10.69 10.79 -6.85
N HIS B 245 9.87 11.37 -5.98
CA HIS B 245 8.44 11.07 -5.96
C HIS B 245 7.66 12.08 -6.79
N ARG B 246 8.37 13.00 -7.42
CA ARG B 246 7.76 13.97 -8.34
C ARG B 246 8.48 13.93 -9.67
N LEU B 247 8.47 12.76 -10.31
CA LEU B 247 9.13 12.57 -11.60
C LEU B 247 10.51 13.22 -11.64
N HIS C 1 -28.11 13.51 1.44
CA HIS C 1 -26.77 13.10 1.85
C HIS C 1 -25.94 12.74 0.63
N LYS C 2 -24.79 12.12 0.87
CA LYS C 2 -23.90 11.65 -0.19
CA LYS C 2 -23.92 11.70 -0.23
C LYS C 2 -24.65 10.75 -1.17
N ILE C 3 -24.32 10.83 -2.45
CA ILE C 3 -24.95 9.98 -3.45
C ILE C 3 -24.59 8.53 -3.15
N LEU C 4 -23.37 8.34 -2.66
CA LEU C 4 -22.89 7.02 -2.28
C LEU C 4 -23.72 6.47 -1.14
N HIS C 5 -24.01 7.33 -0.17
CA HIS C 5 -24.85 6.95 0.97
C HIS C 5 -26.23 6.51 0.50
N ARG C 6 -26.85 7.28 -0.38
CA ARG C 6 -28.15 6.91 -0.93
C ARG C 6 -28.08 5.59 -1.69
N LEU C 7 -27.08 5.47 -2.56
CA LEU C 7 -26.89 4.26 -3.36
C LEU C 7 -26.73 3.02 -2.48
N LEU C 8 -26.03 3.17 -1.36
CA LEU C 8 -25.88 2.09 -0.40
C LEU C 8 -27.19 1.91 0.37
N GLN C 9 -27.76 3.02 0.80
CA GLN C 9 -29.00 3.01 1.57
C GLN C 9 -30.12 2.30 0.82
N ASP C 10 -30.09 2.38 -0.50
CA ASP C 10 -31.07 1.69 -1.33
C ASP C 10 -30.91 0.16 -1.24
N LYS D 2 24.21 11.99 -7.51
CA LYS D 2 23.31 12.32 -6.42
C LYS D 2 23.94 12.00 -5.07
N ILE D 3 23.50 12.71 -4.04
CA ILE D 3 24.01 12.50 -2.69
C ILE D 3 23.80 11.06 -2.25
N LEU D 4 22.62 10.53 -2.55
CA LEU D 4 22.29 9.15 -2.19
C LEU D 4 23.31 8.18 -2.80
N HIS D 5 23.66 8.40 -4.06
CA HIS D 5 24.70 7.61 -4.70
C HIS D 5 25.95 7.60 -3.83
N ARG D 6 26.40 8.79 -3.44
CA ARG D 6 27.62 8.93 -2.65
C ARG D 6 27.56 8.22 -1.31
N LEU D 7 26.44 8.35 -0.62
CA LEU D 7 26.27 7.71 0.69
C LEU D 7 26.26 6.18 0.55
N LEU D 8 25.63 5.70 -0.52
CA LEU D 8 25.57 4.27 -0.78
C LEU D 8 26.95 3.70 -1.11
N GLN D 9 27.77 4.49 -1.81
CA GLN D 9 29.12 4.07 -2.15
C GLN D 9 30.05 4.09 -0.94
N ASP D 10 29.93 5.13 -0.13
CA ASP D 10 30.76 5.29 1.06
C ASP D 10 29.91 5.43 2.32
#